data_8BO3
#
_entry.id   8BO3
#
_cell.length_a   58.194
_cell.length_b   59.916
_cell.length_c   66.816
_cell.angle_alpha   90.000
_cell.angle_beta   90.000
_cell.angle_gamma   90.000
#
_symmetry.space_group_name_H-M   'P 21 21 21'
#
loop_
_entity.id
_entity.type
_entity.pdbx_description
1 polymer 'Coagulation factor XIa light chain'
2 non-polymer 4-[[(2~{S})-2-[4-[5-chloranyl-2-[4-(trifluoromethyl)-1,2,3-triazol-1-yl]phenyl]-5-methoxy-2-oxidanylidene-pyridin-1-yl]butanoyl]amino]-2-fluoranyl-benzamide
3 non-polymer 'CITRIC ACID'
4 water water
#
_entity_poly.entity_id   1
_entity_poly.type   'polypeptide(L)'
_entity_poly.pdbx_seq_one_letter_code
;IVGGTASVRGEWPWQVTLHTTSPTQRHLCGGSIIGNQWILTAAHCFYGVESPKILRVYSGILNQSEIKEDTSFFGVQEII
IHDQYKMAESGYDIALLKLETTVNYTDSQRPISLPSKGDRNVIYTDCWVTGWGYRKLRDKIQNTLQKAKIPLVTNEECQK
RYRGHKITHKMICAGYREGGKDACKGDSGGPLSCKHNEVWHLVGITSWGEGCAQRERPGVYTNVVEYVDWILEKTQAV
;
_entity_poly.pdbx_strand_id   AAA
#
# COMPACT_ATOMS: atom_id res chain seq x y z
N ILE A 1 -7.75 -6.38 6.00
CA ILE A 1 -8.89 -5.48 5.67
C ILE A 1 -10.05 -5.91 6.57
N VAL A 2 -10.63 -4.99 7.32
CA VAL A 2 -11.83 -5.24 8.18
C VAL A 2 -13.04 -4.83 7.35
N GLY A 3 -14.10 -5.65 7.34
CA GLY A 3 -15.39 -5.32 6.70
C GLY A 3 -15.29 -5.42 5.18
N GLY A 4 -14.34 -6.19 4.67
CA GLY A 4 -14.10 -6.25 3.21
C GLY A 4 -14.75 -7.48 2.61
N THR A 5 -14.48 -7.75 1.36
CA THR A 5 -14.92 -8.98 0.65
C THR A 5 -13.78 -9.43 -0.21
N ALA A 6 -13.77 -10.71 -0.54
CA ALA A 6 -12.86 -11.38 -1.48
C ALA A 6 -12.83 -10.58 -2.79
N SER A 7 -11.62 -10.37 -3.31
CA SER A 7 -11.37 -9.94 -4.71
C SER A 7 -11.42 -11.15 -5.66
N VAL A 8 -11.35 -10.90 -6.96
CA VAL A 8 -11.28 -11.97 -8.00
C VAL A 8 -9.99 -11.81 -8.80
N ARG A 9 -9.56 -12.87 -9.51
CA ARG A 9 -8.32 -12.92 -10.31
C ARG A 9 -8.39 -11.75 -11.29
N GLY A 10 -7.36 -10.90 -11.35
CA GLY A 10 -7.27 -9.76 -12.27
C GLY A 10 -7.84 -8.44 -11.73
N GLU A 11 -8.49 -8.42 -10.57
CA GLU A 11 -9.25 -7.22 -10.13
C GLU A 11 -8.30 -6.06 -9.74
N TRP A 12 -7.16 -6.38 -9.11
CA TRP A 12 -6.22 -5.33 -8.56
C TRP A 12 -4.81 -5.62 -9.04
N PRO A 13 -4.57 -5.55 -10.37
CA PRO A 13 -3.34 -6.14 -10.92
C PRO A 13 -2.05 -5.37 -10.56
N TRP A 14 -2.19 -4.20 -9.91
CA TRP A 14 -1.02 -3.45 -9.40
C TRP A 14 -0.62 -3.95 -8.01
N GLN A 15 -1.51 -4.67 -7.32
CA GLN A 15 -1.28 -5.15 -5.95
C GLN A 15 -0.17 -6.19 -5.97
N VAL A 16 0.83 -6.05 -5.11
CA VAL A 16 1.81 -7.11 -4.92
C VAL A 16 1.78 -7.56 -3.49
N THR A 17 2.35 -8.75 -3.27
CA THR A 17 2.65 -9.24 -1.88
C THR A 17 4.16 -9.29 -1.74
N LEU A 18 4.68 -8.55 -0.79
CA LEU A 18 6.13 -8.55 -0.49
CA LEU A 18 6.13 -8.54 -0.47
C LEU A 18 6.36 -9.59 0.61
N HIS A 19 7.22 -10.56 0.33
CA HIS A 19 7.54 -11.61 1.33
C HIS A 19 8.96 -11.40 1.83
N THR A 20 9.20 -11.66 3.12
CA THR A 20 10.57 -11.88 3.68
C THR A 20 10.85 -13.36 3.56
N THR A 21 12.11 -13.76 3.53
CA THR A 21 12.50 -15.20 3.54
C THR A 21 13.30 -15.49 4.82
N SER A 22 13.31 -14.64 5.82
CA SER A 22 14.19 -14.80 7.00
C SER A 22 13.50 -14.40 8.30
N PRO A 23 13.44 -15.26 9.34
CA PRO A 23 14.00 -16.61 9.33
C PRO A 23 13.12 -17.64 8.64
N THR A 24 11.92 -17.22 8.22
CA THR A 24 11.06 -18.12 7.42
C THR A 24 10.31 -17.26 6.40
N GLN A 25 9.74 -17.88 5.38
CA GLN A 25 9.11 -17.14 4.26
C GLN A 25 7.70 -16.75 4.74
N ARG A 26 7.38 -15.46 4.66
CA ARG A 26 6.05 -14.98 5.08
C ARG A 26 5.75 -13.63 4.42
N HIS A 27 4.46 -13.35 4.26
CA HIS A 27 3.99 -12.01 3.83
C HIS A 27 4.37 -10.95 4.88
N LEU A 28 5.04 -9.91 4.40
CA LEU A 28 5.47 -8.75 5.21
C LEU A 28 4.52 -7.59 5.01
N CYS A 29 4.21 -7.29 3.75
CA CYS A 29 3.52 -6.02 3.41
C CYS A 29 2.91 -6.10 2.01
N GLY A 30 1.96 -5.23 1.74
CA GLY A 30 1.55 -4.98 0.36
C GLY A 30 2.50 -3.99 -0.31
N GLY A 31 2.23 -3.79 -1.59
CA GLY A 31 2.86 -2.78 -2.43
C GLY A 31 2.10 -2.63 -3.75
N SER A 32 2.53 -1.68 -4.56
CA SER A 32 1.88 -1.28 -5.83
C SER A 32 2.93 -1.23 -6.97
N ILE A 33 2.64 -1.87 -8.09
CA ILE A 33 3.46 -1.70 -9.33
C ILE A 33 3.19 -0.29 -9.84
N ILE A 34 4.23 0.54 -9.93
CA ILE A 34 4.12 1.86 -10.57
C ILE A 34 4.99 1.95 -11.82
N GLY A 35 5.69 0.90 -12.18
CA GLY A 35 6.56 0.99 -13.36
C GLY A 35 7.14 -0.35 -13.61
N ASN A 36 7.77 -0.52 -14.78
N ASN A 36 7.78 -0.57 -14.76
CA ASN A 36 8.30 -1.82 -15.25
CA ASN A 36 8.16 -1.95 -15.14
C ASN A 36 9.13 -2.50 -14.14
C ASN A 36 9.18 -2.54 -14.16
N GLN A 37 9.98 -1.73 -13.45
CA GLN A 37 10.95 -2.21 -12.46
CA GLN A 37 10.93 -2.26 -12.44
C GLN A 37 10.70 -1.60 -11.07
N TRP A 38 9.49 -1.10 -10.78
CA TRP A 38 9.29 -0.26 -9.59
C TRP A 38 8.03 -0.65 -8.83
N ILE A 39 8.23 -0.95 -7.55
CA ILE A 39 7.18 -1.06 -6.53
C ILE A 39 7.19 0.14 -5.58
N LEU A 40 6.01 0.67 -5.27
CA LEU A 40 5.84 1.67 -4.21
C LEU A 40 5.20 0.97 -3.02
N THR A 41 5.76 1.20 -1.82
CA THR A 41 5.32 0.57 -0.57
C THR A 41 5.66 1.50 0.62
N ALA A 42 5.51 1.01 1.84
CA ALA A 42 5.75 1.80 3.05
C ALA A 42 7.16 1.55 3.57
N ALA A 43 7.82 2.62 4.02
CA ALA A 43 9.20 2.49 4.54
C ALA A 43 9.21 1.57 5.76
N HIS A 44 8.15 1.60 6.55
CA HIS A 44 8.12 0.85 7.83
C HIS A 44 8.20 -0.65 7.59
N CYS A 45 7.90 -1.08 6.37
CA CYS A 45 7.97 -2.50 6.00
C CYS A 45 9.39 -3.04 6.21
N PHE A 46 10.42 -2.21 6.26
CA PHE A 46 11.81 -2.69 6.24
C PHE A 46 12.43 -2.67 7.64
N TYR A 47 11.62 -2.42 8.65
CA TYR A 47 12.07 -2.49 10.06
C TYR A 47 12.76 -3.84 10.28
N GLY A 48 13.98 -3.88 10.75
CA GLY A 48 14.63 -5.21 10.95
C GLY A 48 14.69 -6.12 9.69
N VAL A 49 14.57 -5.56 8.47
CA VAL A 49 15.00 -6.26 7.23
C VAL A 49 16.52 -6.00 7.03
N GLU A 50 17.34 -7.04 7.13
CA GLU A 50 18.82 -6.87 7.15
C GLU A 50 19.34 -6.42 5.77
N SER A 51 18.66 -6.74 4.69
CA SER A 51 19.08 -6.33 3.33
C SER A 51 17.99 -6.72 2.33
N PRO A 52 18.08 -6.21 1.08
CA PRO A 52 17.16 -6.60 0.03
C PRO A 52 17.27 -8.09 -0.34
N LYS A 53 18.34 -8.80 0.04
CA LYS A 53 18.55 -10.20 -0.42
C LYS A 53 17.42 -11.11 0.08
N ILE A 54 16.82 -10.84 1.24
CA ILE A 54 15.82 -11.76 1.82
C ILE A 54 14.40 -11.45 1.31
N LEU A 55 14.24 -10.41 0.48
CA LEU A 55 12.92 -10.04 -0.08
C LEU A 55 12.57 -10.79 -1.35
N ARG A 56 11.27 -11.10 -1.49
CA ARG A 56 10.65 -11.55 -2.77
C ARG A 56 9.41 -10.72 -3.03
N VAL A 57 9.25 -10.30 -4.27
CA VAL A 57 8.00 -9.60 -4.70
C VAL A 57 7.22 -10.58 -5.56
N TYR A 58 6.03 -10.92 -5.11
CA TYR A 58 5.08 -11.72 -5.90
C TYR A 58 4.03 -10.79 -6.52
N SER A 59 3.90 -10.84 -7.85
CA SER A 59 2.80 -10.16 -8.59
C SER A 59 1.80 -11.21 -9.07
N GLY A 60 0.62 -10.78 -9.48
CA GLY A 60 -0.46 -11.64 -10.01
C GLY A 60 -0.96 -12.68 -9.02
N ILE A 61 -0.86 -12.43 -7.72
CA ILE A 61 -1.37 -13.34 -6.67
C ILE A 61 -2.76 -12.89 -6.24
N LEU A 62 -3.73 -13.79 -6.26
CA LEU A 62 -5.03 -13.56 -5.58
C LEU A 62 -5.00 -14.23 -4.20
N ASN A 63 -4.58 -15.51 -4.14
CA ASN A 63 -4.55 -16.33 -2.91
C ASN A 63 -3.11 -16.58 -2.54
N GLN A 64 -2.75 -16.33 -1.26
CA GLN A 64 -1.38 -16.57 -0.77
C GLN A 64 -1.04 -18.04 -0.97
N SER A 65 -2.03 -18.96 -0.94
CA SER A 65 -1.82 -20.42 -1.13
C SER A 65 -1.27 -20.74 -2.54
N GLU A 66 -1.37 -19.84 -3.53
CA GLU A 66 -0.74 -20.07 -4.86
C GLU A 66 0.79 -20.10 -4.71
N ILE A 67 1.36 -19.42 -3.72
CA ILE A 67 2.83 -19.30 -3.66
C ILE A 67 3.47 -20.62 -3.19
N LYS A 68 4.19 -21.30 -4.09
CA LYS A 68 4.81 -22.61 -3.79
C LYS A 68 6.26 -22.42 -4.19
N GLU A 69 7.10 -23.45 -4.02
CA GLU A 69 8.57 -23.36 -4.18
C GLU A 69 8.91 -23.14 -5.66
N ASP A 70 7.94 -23.37 -6.54
CA ASP A 70 8.14 -23.11 -7.99
C ASP A 70 7.45 -21.82 -8.45
N THR A 71 6.84 -21.03 -7.57
CA THR A 71 6.14 -19.81 -8.05
C THR A 71 7.20 -18.75 -8.36
N SER A 72 7.12 -18.09 -9.50
CA SER A 72 8.14 -17.08 -9.88
C SER A 72 7.88 -15.82 -9.07
N PHE A 73 8.97 -15.13 -8.80
CA PHE A 73 8.94 -13.90 -8.01
C PHE A 73 10.04 -12.99 -8.55
N PHE A 74 9.95 -11.72 -8.22
CA PHE A 74 10.98 -10.70 -8.59
C PHE A 74 11.92 -10.52 -7.41
N GLY A 75 13.22 -10.61 -7.67
CA GLY A 75 14.24 -10.16 -6.72
C GLY A 75 14.26 -8.66 -6.60
N VAL A 76 14.72 -8.15 -5.47
CA VAL A 76 14.80 -6.70 -5.20
C VAL A 76 16.25 -6.28 -5.29
N GLN A 77 16.51 -5.38 -6.23
CA GLN A 77 17.84 -4.79 -6.49
C GLN A 77 18.14 -3.75 -5.43
N GLU A 78 17.17 -2.93 -5.00
CA GLU A 78 17.47 -1.82 -4.07
C GLU A 78 16.18 -1.44 -3.33
N ILE A 79 16.28 -1.19 -2.04
CA ILE A 79 15.22 -0.54 -1.24
C ILE A 79 15.58 0.93 -1.12
N ILE A 80 14.70 1.84 -1.55
CA ILE A 80 14.93 3.29 -1.44
C ILE A 80 13.94 3.87 -0.44
N ILE A 81 14.44 4.16 0.76
CA ILE A 81 13.55 4.70 1.83
C ILE A 81 13.70 6.21 1.80
N HIS A 82 12.64 6.94 1.98
CA HIS A 82 12.70 8.40 2.14
C HIS A 82 13.72 8.76 3.24
N ASP A 83 14.55 9.76 2.96
CA ASP A 83 15.65 10.07 3.90
CA ASP A 83 15.66 10.25 3.82
C ASP A 83 15.11 10.79 5.14
N GLN A 84 13.87 11.22 5.17
CA GLN A 84 13.33 11.85 6.40
C GLN A 84 12.51 10.87 7.21
N TYR A 85 12.41 9.63 6.77
CA TYR A 85 11.56 8.62 7.45
C TYR A 85 12.17 8.28 8.81
N LYS A 86 11.36 8.29 9.85
CA LYS A 86 11.81 7.81 11.19
C LYS A 86 10.87 6.68 11.67
N MET A 87 9.55 6.85 11.60
CA MET A 87 8.55 5.82 11.96
C MET A 87 7.25 6.19 11.29
N ALA A 88 6.38 5.19 11.06
CA ALA A 88 5.15 5.40 10.28
C ALA A 88 4.38 6.59 10.89
N GLU A 89 4.27 6.62 12.22
CA GLU A 89 3.34 7.56 12.88
C GLU A 89 3.88 8.98 12.77
N SER A 90 5.11 9.17 12.30
CA SER A 90 5.61 10.54 12.09
C SER A 90 5.82 10.82 10.60
N GLY A 91 5.39 9.95 9.69
CA GLY A 91 5.26 10.38 8.28
C GLY A 91 6.49 10.00 7.47
N TYR A 92 6.55 10.44 6.23
CA TYR A 92 7.60 10.03 5.24
C TYR A 92 7.60 8.52 5.09
N ASP A 93 6.45 7.89 5.29
CA ASP A 93 6.35 6.41 5.26
C ASP A 93 6.25 5.95 3.80
N ILE A 94 7.37 6.02 3.08
CA ILE A 94 7.32 5.71 1.63
C ILE A 94 8.68 5.11 1.24
N ALA A 95 8.61 4.14 0.34
CA ALA A 95 9.80 3.44 -0.15
C ALA A 95 9.53 2.96 -1.56
N LEU A 96 10.59 2.87 -2.34
CA LEU A 96 10.58 2.22 -3.65
C LEU A 96 11.40 0.95 -3.57
N LEU A 97 10.95 -0.08 -4.25
CA LEU A 97 11.75 -1.28 -4.47
C LEU A 97 12.07 -1.24 -5.95
N LYS A 98 13.35 -1.22 -6.28
CA LYS A 98 13.77 -1.44 -7.68
C LYS A 98 13.90 -2.93 -7.89
N LEU A 99 13.20 -3.51 -8.85
CA LEU A 99 13.23 -4.96 -9.12
C LEU A 99 14.49 -5.32 -9.93
N GLU A 100 14.89 -6.59 -9.84
CA GLU A 100 16.09 -7.07 -10.54
C GLU A 100 15.83 -7.14 -12.04
N THR A 101 14.57 -7.16 -12.45
CA THR A 101 14.24 -7.18 -13.89
C THR A 101 12.89 -6.48 -14.08
N THR A 102 12.54 -6.24 -15.34
CA THR A 102 11.28 -5.52 -15.71
C THR A 102 10.10 -6.51 -15.70
N VAL A 103 8.98 -6.10 -15.20
CA VAL A 103 7.72 -6.88 -15.23
C VAL A 103 7.24 -6.75 -16.70
N ASN A 104 6.97 -7.84 -17.41
CA ASN A 104 6.13 -7.77 -18.63
C ASN A 104 4.68 -7.62 -18.18
N TYR A 105 3.98 -6.57 -18.57
CA TYR A 105 2.60 -6.33 -18.06
C TYR A 105 1.63 -7.31 -18.72
N THR A 106 0.73 -7.82 -17.93
CA THR A 106 -0.27 -8.82 -18.36
C THR A 106 -1.57 -8.49 -17.67
N ASP A 107 -2.64 -9.23 -17.91
CA ASP A 107 -3.93 -8.98 -17.22
C ASP A 107 -3.73 -9.08 -15.71
N SER A 108 -2.78 -9.85 -15.21
CA SER A 108 -2.66 -10.08 -13.73
C SER A 108 -1.57 -9.20 -13.07
N GLN A 109 -0.78 -8.48 -13.86
CA GLN A 109 0.27 -7.59 -13.31
C GLN A 109 0.35 -6.37 -14.22
N ARG A 110 -0.21 -5.26 -13.72
CA ARG A 110 -0.35 -3.97 -14.41
CA ARG A 110 -0.32 -3.97 -14.43
C ARG A 110 0.13 -2.86 -13.49
N PRO A 111 0.65 -1.74 -14.00
CA PRO A 111 0.97 -0.57 -13.19
C PRO A 111 -0.29 0.23 -12.87
N ILE A 112 -0.24 0.94 -11.75
CA ILE A 112 -1.24 1.98 -11.42
C ILE A 112 -0.55 3.34 -11.60
N SER A 113 -1.31 4.27 -12.18
CA SER A 113 -0.86 5.66 -12.41
CA SER A 113 -0.88 5.69 -12.42
C SER A 113 -0.70 6.39 -11.08
N LEU A 114 0.26 7.29 -11.00
CA LEU A 114 0.34 8.21 -9.85
C LEU A 114 -0.76 9.24 -10.02
N PRO A 115 -1.09 10.03 -8.97
CA PRO A 115 -1.95 11.20 -9.15
C PRO A 115 -1.33 12.12 -10.20
N SER A 116 -2.17 12.57 -11.12
CA SER A 116 -1.77 13.24 -12.38
C SER A 116 -1.53 14.74 -12.11
N LYS A 117 -0.50 15.26 -12.76
CA LYS A 117 -0.16 16.71 -12.79
C LYS A 117 -1.46 17.39 -13.27
N GLY A 118 -2.07 18.25 -12.44
CA GLY A 118 -3.31 18.98 -12.80
C GLY A 118 -4.48 18.54 -11.94
N ASP A 119 -4.39 17.41 -11.24
CA ASP A 119 -5.54 16.90 -10.44
C ASP A 119 -5.37 17.16 -8.94
N ARG A 120 -4.47 18.06 -8.51
CA ARG A 120 -4.17 18.23 -7.05
C ARG A 120 -5.46 18.63 -6.31
N ASN A 121 -6.48 19.14 -7.00
CA ASN A 121 -7.72 19.65 -6.36
C ASN A 121 -8.91 18.74 -6.67
N VAL A 122 -8.71 17.64 -7.40
CA VAL A 122 -9.76 16.57 -7.58
C VAL A 122 -10.20 16.06 -6.22
N ILE A 123 -11.52 15.96 -6.01
CA ILE A 123 -12.13 15.31 -4.81
C ILE A 123 -12.42 13.86 -5.18
N TYR A 124 -11.67 12.89 -4.64
CA TYR A 124 -11.77 11.48 -5.04
C TYR A 124 -12.87 10.93 -4.16
N THR A 125 -13.86 10.29 -4.77
CA THR A 125 -15.06 9.76 -4.08
C THR A 125 -15.19 8.25 -4.28
N ASP A 126 -14.26 7.59 -4.98
CA ASP A 126 -14.32 6.15 -5.23
C ASP A 126 -12.95 5.55 -4.89
N CYS A 127 -12.65 5.44 -3.60
CA CYS A 127 -11.34 4.94 -3.13
C CYS A 127 -11.49 3.56 -2.48
N TRP A 128 -10.54 2.65 -2.77
CA TRP A 128 -10.50 1.25 -2.28
C TRP A 128 -9.17 0.92 -1.61
N VAL A 129 -9.24 0.28 -0.45
CA VAL A 129 -8.07 -0.31 0.26
C VAL A 129 -8.08 -1.83 0.06
N THR A 130 -6.92 -2.41 -0.28
CA THR A 130 -6.81 -3.85 -0.59
C THR A 130 -5.63 -4.46 0.16
N GLY A 131 -5.74 -5.74 0.47
CA GLY A 131 -4.63 -6.44 1.12
C GLY A 131 -4.98 -7.78 1.73
N TRP A 132 -3.95 -8.48 2.18
CA TRP A 132 -4.12 -9.80 2.84
C TRP A 132 -4.10 -9.64 4.36
N GLY A 133 -4.37 -8.43 4.86
CA GLY A 133 -4.27 -8.18 6.30
C GLY A 133 -5.38 -8.83 7.10
N TYR A 134 -5.27 -8.72 8.41
CA TYR A 134 -6.25 -9.21 9.41
C TYR A 134 -7.61 -8.61 9.07
N ARG A 135 -8.68 -9.35 9.37
CA ARG A 135 -10.08 -8.87 9.18
C ARG A 135 -10.69 -8.41 10.50
N LYS A 136 -9.91 -8.45 11.57
CA LYS A 136 -10.19 -7.84 12.88
C LYS A 136 -8.86 -7.84 13.66
N LEU A 137 -8.85 -7.19 14.81
CA LEU A 137 -7.61 -6.94 15.57
C LEU A 137 -6.85 -8.26 15.83
N ARG A 138 -7.52 -9.26 16.40
CA ARG A 138 -6.92 -10.58 16.75
C ARG A 138 -7.22 -11.56 15.62
N ASP A 139 -6.33 -11.67 14.61
CA ASP A 139 -6.58 -12.48 13.39
C ASP A 139 -5.25 -12.99 12.82
N LYS A 140 -5.24 -13.34 11.55
CA LYS A 140 -4.09 -13.88 10.82
C LYS A 140 -4.12 -13.32 9.41
N ILE A 141 -3.02 -13.45 8.67
CA ILE A 141 -2.96 -13.02 7.25
C ILE A 141 -3.97 -13.84 6.48
N GLN A 142 -4.72 -13.22 5.59
CA GLN A 142 -5.84 -13.90 4.90
C GLN A 142 -5.31 -14.57 3.66
N ASN A 143 -5.99 -15.63 3.18
CA ASN A 143 -5.49 -16.32 1.99
C ASN A 143 -5.80 -15.43 0.78
N THR A 144 -7.03 -14.90 0.74
CA THR A 144 -7.61 -14.25 -0.45
C THR A 144 -7.54 -12.73 -0.29
N LEU A 145 -6.91 -12.06 -1.27
CA LEU A 145 -6.86 -10.57 -1.33
C LEU A 145 -8.24 -10.00 -1.03
N GLN A 146 -8.33 -9.14 -0.03
CA GLN A 146 -9.59 -8.49 0.39
C GLN A 146 -9.63 -7.06 -0.14
N LYS A 147 -10.83 -6.53 -0.31
CA LYS A 147 -11.05 -5.15 -0.82
C LYS A 147 -12.09 -4.52 0.08
N ALA A 148 -12.02 -3.21 0.21
CA ALA A 148 -13.01 -2.41 0.95
C ALA A 148 -13.03 -1.01 0.39
N LYS A 149 -14.23 -0.48 0.19
CA LYS A 149 -14.41 0.94 -0.17
C LYS A 149 -14.44 1.80 1.08
N ILE A 150 -13.70 2.90 1.04
CA ILE A 150 -13.50 3.79 2.21
C ILE A 150 -13.46 5.24 1.78
N PRO A 151 -14.25 6.12 2.44
CA PRO A 151 -14.26 7.55 2.13
C PRO A 151 -13.03 8.25 2.73
N LEU A 152 -12.48 9.19 1.96
CA LEU A 152 -11.44 10.14 2.41
C LEU A 152 -12.07 11.10 3.42
N VAL A 153 -11.30 11.46 4.43
CA VAL A 153 -11.74 12.44 5.46
C VAL A 153 -10.75 13.61 5.34
N THR A 154 -11.18 14.83 5.66
CA THR A 154 -10.33 16.07 5.64
C THR A 154 -9.12 15.88 6.58
N ASN A 155 -7.94 16.36 6.21
CA ASN A 155 -6.79 16.48 7.14
C ASN A 155 -7.25 17.18 8.41
N GLU A 156 -8.00 18.27 8.28
CA GLU A 156 -8.51 19.02 9.45
C GLU A 156 -9.24 18.04 10.38
N GLU A 157 -10.12 17.16 9.88
CA GLU A 157 -10.89 16.22 10.75
C GLU A 157 -9.97 15.14 11.30
N CYS A 158 -9.07 14.64 10.47
CA CYS A 158 -8.11 13.58 10.83
C CYS A 158 -7.26 14.04 12.03
N GLN A 159 -6.74 15.25 11.95
CA GLN A 159 -5.86 15.84 12.99
C GLN A 159 -6.66 15.92 14.29
N LYS A 160 -7.92 16.27 14.22
CA LYS A 160 -8.82 16.32 15.39
C LYS A 160 -8.94 14.92 16.00
N ARG A 161 -8.76 13.85 15.22
CA ARG A 161 -8.90 12.48 15.79
C ARG A 161 -7.58 12.01 16.41
N TYR A 162 -6.46 12.63 16.01
CA TYR A 162 -5.09 12.20 16.36
C TYR A 162 -4.30 13.39 16.88
N ARG A 163 -4.70 14.02 17.98
CA ARG A 163 -4.11 15.30 18.43
C ARG A 163 -2.74 15.07 19.04
N GLY A 164 -2.33 13.83 19.26
CA GLY A 164 -0.96 13.50 19.67
C GLY A 164 -0.03 13.24 18.49
N HIS A 165 -0.52 13.30 17.26
CA HIS A 165 0.31 13.05 16.04
C HIS A 165 0.28 14.32 15.17
N LYS A 166 1.30 14.50 14.35
CA LYS A 166 1.31 15.58 13.33
C LYS A 166 0.65 14.97 12.09
N ILE A 167 -0.62 15.30 11.85
CA ILE A 167 -1.30 14.94 10.59
C ILE A 167 -0.97 16.07 9.61
N THR A 168 -0.07 15.78 8.66
CA THR A 168 0.46 16.78 7.72
C THR A 168 -0.20 16.68 6.35
N HIS A 169 0.07 17.66 5.50
CA HIS A 169 -0.35 17.69 4.07
C HIS A 169 0.24 16.47 3.33
N LYS A 170 1.31 15.89 3.85
CA LYS A 170 1.92 14.67 3.26
C LYS A 170 1.21 13.40 3.73
N MET A 171 0.13 13.52 4.47
CA MET A 171 -0.73 12.37 4.84
C MET A 171 -2.16 12.57 4.33
N ILE A 172 -2.87 11.45 4.12
CA ILE A 172 -4.31 11.44 3.81
C ILE A 172 -5.02 10.36 4.61
N CYS A 173 -6.17 10.71 5.16
CA CYS A 173 -6.91 9.78 6.02
C CYS A 173 -8.18 9.30 5.33
N ALA A 174 -8.65 8.09 5.67
CA ALA A 174 -9.86 7.46 5.11
C ALA A 174 -10.52 6.56 6.17
N GLY A 175 -11.83 6.72 6.32
CA GLY A 175 -12.59 6.04 7.37
C GLY A 175 -14.01 6.50 7.41
N TYR A 176 -14.87 5.62 7.91
CA TYR A 176 -16.30 5.87 8.20
C TYR A 176 -16.40 6.39 9.62
N ARG A 177 -17.30 7.34 9.84
CA ARG A 177 -17.57 7.91 11.19
C ARG A 177 -17.75 6.76 12.20
N GLU A 178 -18.57 5.77 11.87
CA GLU A 178 -18.92 4.67 12.79
C GLU A 178 -18.04 3.45 12.50
N GLY A 179 -16.87 3.64 11.88
CA GLY A 179 -15.92 2.54 11.58
C GLY A 179 -16.52 1.39 10.78
N GLY A 180 -16.00 0.18 11.01
CA GLY A 180 -16.42 -1.10 10.42
C GLY A 180 -15.61 -1.46 9.17
N LYS A 181 -14.98 -0.52 8.50
CA LYS A 181 -14.12 -0.86 7.34
C LYS A 181 -12.81 -0.13 7.49
N ASP A 182 -11.69 -0.80 7.23
CA ASP A 182 -10.37 -0.16 7.44
C ASP A 182 -9.31 -1.14 6.98
N ALA A 183 -8.09 -0.67 6.85
CA ALA A 183 -6.90 -1.55 6.81
C ALA A 183 -6.68 -2.14 8.20
N CYS A 184 -5.93 -3.25 8.27
CA CYS A 184 -5.49 -3.86 9.55
C CYS A 184 -4.14 -4.54 9.33
N LYS A 185 -3.70 -5.33 10.32
CA LYS A 185 -2.29 -5.76 10.36
C LYS A 185 -2.01 -6.61 9.15
N GLY A 186 -0.97 -6.26 8.41
CA GLY A 186 -0.60 -7.01 7.19
C GLY A 186 -1.03 -6.30 5.91
N ASP A 187 -1.80 -5.23 6.00
CA ASP A 187 -2.23 -4.46 4.80
C ASP A 187 -1.26 -3.32 4.50
N SER A 188 -0.43 -2.92 5.46
CA SER A 188 0.47 -1.77 5.24
C SER A 188 1.33 -1.98 4.00
N GLY A 189 1.68 -0.88 3.38
CA GLY A 189 2.52 -0.88 2.17
C GLY A 189 1.65 -0.90 0.91
N GLY A 190 0.45 -1.46 1.03
CA GLY A 190 -0.42 -1.64 -0.14
C GLY A 190 -1.10 -0.35 -0.51
N PRO A 191 -1.90 -0.36 -1.60
CA PRO A 191 -2.48 0.87 -2.11
C PRO A 191 -3.82 1.27 -1.47
N LEU A 192 -4.00 2.58 -1.40
CA LEU A 192 -5.32 3.22 -1.44
C LEU A 192 -5.53 3.72 -2.87
N SER A 193 -6.37 3.01 -3.62
CA SER A 193 -6.57 3.16 -5.08
C SER A 193 -7.90 3.92 -5.29
N CYS A 194 -7.86 5.08 -5.96
CA CYS A 194 -9.07 5.89 -6.28
C CYS A 194 -9.27 5.95 -7.80
N LYS A 195 -10.50 5.65 -8.26
CA LYS A 195 -10.84 5.67 -9.69
C LYS A 195 -11.50 7.02 -9.99
N HIS A 196 -10.99 7.72 -10.99
CA HIS A 196 -11.45 9.07 -11.41
C HIS A 196 -11.50 9.06 -12.94
N ASN A 197 -12.70 9.18 -13.51
CA ASN A 197 -12.87 9.17 -14.97
C ASN A 197 -12.39 7.82 -15.52
N GLU A 198 -12.78 6.75 -14.80
CA GLU A 198 -12.52 5.33 -15.04
C GLU A 198 -11.00 5.08 -15.15
N VAL A 199 -10.17 5.91 -14.56
CA VAL A 199 -8.70 5.65 -14.46
C VAL A 199 -8.36 5.54 -12.98
N TRP A 200 -7.66 4.48 -12.63
CA TRP A 200 -7.23 4.25 -11.21
C TRP A 200 -5.98 5.10 -10.97
N HIS A 201 -5.92 5.73 -9.80
CA HIS A 201 -4.72 6.46 -9.34
C HIS A 201 -4.31 6.00 -7.95
N LEU A 202 -3.00 5.91 -7.75
CA LEU A 202 -2.45 5.49 -6.43
C LEU A 202 -2.45 6.74 -5.57
N VAL A 203 -3.47 6.90 -4.74
CA VAL A 203 -3.64 8.13 -3.93
C VAL A 203 -2.94 7.99 -2.58
N GLY A 204 -2.97 6.80 -2.00
CA GLY A 204 -2.45 6.50 -0.67
C GLY A 204 -1.64 5.25 -0.63
N ILE A 205 -0.74 5.21 0.38
CA ILE A 205 -0.05 3.97 0.84
C ILE A 205 -0.54 3.73 2.26
N THR A 206 -1.00 2.52 2.50
CA THR A 206 -1.47 2.10 3.82
C THR A 206 -0.31 2.24 4.80
N SER A 207 -0.45 3.04 5.86
CA SER A 207 0.67 3.37 6.78
C SER A 207 0.30 2.99 8.23
N TRP A 208 -0.73 3.58 8.84
CA TRP A 208 -1.01 3.27 10.27
C TRP A 208 -2.43 3.64 10.65
N GLY A 209 -2.82 3.10 11.77
CA GLY A 209 -3.93 3.64 12.56
C GLY A 209 -3.75 3.17 13.99
N GLU A 210 -4.56 3.75 14.85
CA GLU A 210 -4.76 3.28 16.24
C GLU A 210 -5.93 2.32 16.17
N GLY A 211 -5.72 1.06 16.44
CA GLY A 211 -6.83 0.11 16.23
C GLY A 211 -7.19 -0.06 14.77
N CYS A 212 -8.12 -0.98 14.54
CA CYS A 212 -8.59 -1.30 13.16
C CYS A 212 -10.10 -1.07 13.12
N ALA A 213 -10.55 -0.12 12.31
CA ALA A 213 -11.97 0.11 11.98
C ALA A 213 -12.77 0.55 13.23
N GLN A 214 -12.12 1.24 14.17
N GLN A 214 -12.12 1.24 14.17
CA GLN A 214 -12.80 1.86 15.34
CA GLN A 214 -12.82 1.84 15.34
C GLN A 214 -13.56 3.09 14.84
C GLN A 214 -13.55 3.10 14.86
N ARG A 215 -14.58 3.53 15.59
CA ARG A 215 -15.36 4.72 15.20
C ARG A 215 -14.43 5.93 15.36
N GLU A 216 -14.55 6.90 14.45
CA GLU A 216 -13.89 8.24 14.50
C GLU A 216 -12.39 8.03 14.62
N ARG A 217 -11.85 7.00 13.95
CA ARG A 217 -10.40 6.69 13.98
C ARG A 217 -9.99 6.34 12.55
N PRO A 218 -9.83 7.33 11.68
CA PRO A 218 -9.61 7.04 10.26
C PRO A 218 -8.24 6.39 10.10
N GLY A 219 -8.11 5.48 9.14
CA GLY A 219 -6.77 5.02 8.76
C GLY A 219 -5.95 6.17 8.20
N VAL A 220 -4.64 6.06 8.34
CA VAL A 220 -3.68 7.07 7.86
C VAL A 220 -2.81 6.42 6.77
N TYR A 221 -2.67 7.15 5.69
CA TYR A 221 -2.04 6.78 4.41
C TYR A 221 -1.05 7.86 4.04
N THR A 222 0.08 7.46 3.46
CA THR A 222 1.02 8.40 2.83
C THR A 222 0.30 9.01 1.62
N ASN A 223 0.31 10.33 1.52
CA ASN A 223 -0.34 11.14 0.47
C ASN A 223 0.61 11.19 -0.74
N VAL A 224 0.48 10.23 -1.62
CA VAL A 224 1.39 9.95 -2.79
C VAL A 224 1.57 11.17 -3.65
N VAL A 225 0.52 11.98 -3.87
CA VAL A 225 0.63 13.19 -4.76
C VAL A 225 1.74 14.11 -4.22
N GLU A 226 1.92 14.15 -2.90
CA GLU A 226 2.94 15.02 -2.26
C GLU A 226 4.33 14.40 -2.45
N TYR A 227 4.47 13.21 -3.00
CA TYR A 227 5.80 12.62 -3.21
C TYR A 227 6.10 12.30 -4.69
N VAL A 228 5.29 12.82 -5.61
CA VAL A 228 5.48 12.55 -7.07
C VAL A 228 6.85 13.07 -7.48
N ASP A 229 7.26 14.27 -7.05
CA ASP A 229 8.61 14.78 -7.42
C ASP A 229 9.71 13.85 -6.85
N TRP A 230 9.57 13.35 -5.63
CA TRP A 230 10.55 12.37 -5.06
C TRP A 230 10.58 11.05 -5.85
N ILE A 231 9.40 10.53 -6.18
CA ILE A 231 9.27 9.25 -6.92
C ILE A 231 9.99 9.48 -8.25
N LEU A 232 9.62 10.55 -8.96
CA LEU A 232 10.20 10.74 -10.32
C LEU A 232 11.72 10.90 -10.23
N GLU A 233 12.19 11.64 -9.23
CA GLU A 233 13.63 11.81 -9.01
C GLU A 233 14.28 10.43 -8.91
N LYS A 234 13.74 9.56 -8.06
CA LYS A 234 14.43 8.27 -7.74
C LYS A 234 14.29 7.33 -8.91
N THR A 235 13.20 7.43 -9.70
CA THR A 235 12.91 6.40 -10.70
C THR A 235 13.53 6.83 -12.03
N GLN A 236 13.91 8.08 -12.19
CA GLN A 236 14.42 8.63 -13.48
C GLN A 236 15.92 8.89 -13.32
#